data_7B74
#
_entry.id   7B74
#
_cell.length_a   57.285
_cell.length_b   57.307
_cell.length_c   88.035
_cell.angle_alpha   90.000
_cell.angle_beta   94.616
_cell.angle_gamma   90.000
#
_symmetry.space_group_name_H-M   'P 1 21 1'
#
loop_
_entity.id
_entity.type
_entity.pdbx_description
1 polymer 'Streptavidin,Superoxide dismutase [Cu-Zn],Streptavidin'
2 non-polymer {N-(4-{[2-(amino-kappaN)ethyl]sulfamoyl-kappaN}phenyl)-5-[(3aS,4S,6aR)-2-oxohexahydro-1H-thieno[3,4-d]imidazol-4-yl]pentanamide}(chloro)[(1,2,3,4,5-eta)-1,2,3,4,5-pentamethylcyclopentadienyl]iridium(III)
3 water water
#
_entity_poly.entity_id   1
_entity_poly.type   'polypeptide(L)'
_entity_poly.pdbx_seq_one_letter_code
;MASMTGGQQMGRDQAGITGTWYNQLGSTFIVTAGADGALTGTYESAVGAGADNFANIPPERYVQVNGTPGPDETTLTTGD
AGKNAESRYVLTGRYDSAPATDGSGTALGWTVAWKNNYRNAHSATTWSGQYVGGAEARINTQWLLTAGTTEANAWKSTLV
GHDTFTKVKPSAASIDAAKKAGVNNGNPLDAVQQ
;
_entity_poly.pdbx_strand_id   AAA,BBB,CCC,DDD
#
loop_
_chem_comp.id
_chem_comp.type
_chem_comp.name
_chem_comp.formula
4IR non-polymer {N-(4-{[2-(amino-kappaN)ethyl]sulfamoyl-kappaN}phenyl)-5-[(3aS,4S,6aR)-2-oxohexahydro-1H-thieno[3,4-d]imidazol-4-yl]pentanamide}(chloro)[(1,2,3,4,5-eta)-1,2,3,4,5-pentamethylcyclopentadienyl]iridium(III) 'C28 H45 Cl Ir N5 O4 S2 2'
#
# COMPACT_ATOMS: atom_id res chain seq x y z
N ASP A 13 -2.98 -18.23 16.92
CA ASP A 13 -2.59 -19.18 18.00
C ASP A 13 -1.06 -19.30 18.04
N GLN A 14 -0.51 -19.50 19.25
CA GLN A 14 0.95 -19.68 19.53
C GLN A 14 1.46 -20.96 18.87
N ALA A 15 0.78 -22.09 19.05
CA ALA A 15 1.24 -23.40 18.51
C ALA A 15 1.05 -23.39 17.00
N GLY A 16 -0.03 -22.75 16.54
CA GLY A 16 -0.40 -22.65 15.11
C GLY A 16 0.63 -21.89 14.31
N ILE A 17 1.17 -20.78 14.87
CA ILE A 17 2.11 -19.92 14.11
C ILE A 17 3.52 -20.55 14.07
N THR A 18 3.97 -21.08 15.20
CA THR A 18 5.36 -21.52 15.40
C THR A 18 5.69 -22.57 14.32
N GLY A 19 6.79 -22.41 13.61
CA GLY A 19 7.20 -23.41 12.62
C GLY A 19 7.75 -22.81 11.36
N THR A 20 7.75 -23.61 10.30
CA THR A 20 8.30 -23.25 8.98
C THR A 20 7.14 -22.99 8.02
N TRP A 21 7.24 -21.89 7.30
CA TRP A 21 6.20 -21.40 6.36
C TRP A 21 6.86 -21.11 5.03
N TYR A 22 6.11 -21.26 3.95
CA TYR A 22 6.56 -21.19 2.54
C TYR A 22 5.57 -20.27 1.82
N ASN A 23 6.07 -19.36 1.00
CA ASN A 23 5.18 -18.46 0.24
C ASN A 23 5.22 -18.88 -1.23
N GLN A 24 4.41 -18.20 -2.04
CA GLN A 24 4.18 -18.55 -3.47
C GLN A 24 5.44 -18.28 -4.29
N LEU A 25 6.44 -17.53 -3.77
CA LEU A 25 7.74 -17.32 -4.48
C LEU A 25 8.68 -18.50 -4.15
N GLY A 26 8.31 -19.33 -3.18
CA GLY A 26 9.20 -20.36 -2.62
C GLY A 26 10.14 -19.79 -1.56
N SER A 27 9.86 -18.64 -0.95
CA SER A 27 10.66 -18.16 0.21
C SER A 27 10.30 -18.99 1.44
N THR A 28 11.21 -19.05 2.41
CA THR A 28 11.09 -19.86 3.66
C THR A 28 11.20 -18.92 4.85
N PHE A 29 10.23 -19.02 5.75
CA PHE A 29 10.11 -18.20 6.98
C PHE A 29 10.01 -19.21 8.12
N ILE A 30 10.96 -19.21 9.05
CA ILE A 30 10.94 -20.07 10.26
C ILE A 30 10.73 -19.17 11.46
N VAL A 31 9.71 -19.42 12.26
CA VAL A 31 9.33 -18.47 13.33
C VAL A 31 8.94 -19.22 14.60
N THR A 32 9.35 -18.66 15.74
CA THR A 32 8.83 -18.99 17.10
C THR A 32 7.96 -17.84 17.58
N ALA A 33 6.73 -18.16 17.97
CA ALA A 33 5.77 -17.29 18.68
C ALA A 33 5.92 -17.52 20.18
N GLY A 34 6.33 -16.48 20.93
CA GLY A 34 6.45 -16.49 22.39
C GLY A 34 5.08 -16.31 23.02
N ALA A 35 4.92 -16.66 24.30
CA ALA A 35 3.65 -16.50 25.05
C ALA A 35 3.30 -15.02 25.23
N ASP A 36 4.31 -14.14 25.12
CA ASP A 36 4.25 -12.67 25.33
C ASP A 36 3.83 -11.92 24.04
N GLY A 37 3.55 -12.64 22.95
CA GLY A 37 3.18 -12.07 21.64
C GLY A 37 4.38 -11.80 20.76
N ALA A 38 5.59 -12.22 21.14
CA ALA A 38 6.83 -12.01 20.33
C ALA A 38 6.90 -12.98 19.14
N LEU A 39 7.46 -12.52 18.03
CA LEU A 39 7.81 -13.43 16.90
C LEU A 39 9.30 -13.26 16.69
N THR A 40 10.05 -14.36 16.59
CA THR A 40 11.50 -14.38 16.33
C THR A 40 11.82 -15.50 15.34
N GLY A 41 12.76 -15.28 14.45
CA GLY A 41 13.05 -16.32 13.47
C GLY A 41 14.02 -15.86 12.42
N THR A 42 14.01 -16.60 11.31
CA THR A 42 14.88 -16.30 10.15
C THR A 42 14.01 -16.39 8.91
N TYR A 43 14.36 -15.59 7.90
CA TYR A 43 13.67 -15.49 6.60
C TYR A 43 14.71 -15.79 5.51
N GLU A 44 14.36 -16.62 4.54
CA GLU A 44 15.20 -16.84 3.34
C GLU A 44 14.36 -16.49 2.11
N SER A 45 14.72 -15.43 1.38
CA SER A 45 14.02 -15.04 0.14
C SER A 45 14.54 -15.83 -1.05
N ALA A 46 13.62 -16.32 -1.88
CA ALA A 46 13.91 -17.00 -3.17
C ALA A 46 14.26 -15.95 -4.23
N VAL A 47 14.01 -14.67 -3.95
CA VAL A 47 14.18 -13.57 -4.95
C VAL A 47 14.90 -12.38 -4.31
N GLY A 48 15.55 -11.60 -5.17
CA GLY A 48 16.21 -10.30 -4.93
C GLY A 48 17.35 -10.37 -3.94
N ALA A 49 17.65 -11.56 -3.37
CA ALA A 49 18.30 -11.74 -2.05
C ALA A 49 19.30 -10.59 -1.77
N ALA A 85 23.57 -19.87 5.32
CA ALA A 85 23.67 -18.69 6.21
C ALA A 85 23.70 -17.40 5.38
N GLU A 86 24.32 -17.43 4.19
CA GLU A 86 24.50 -16.27 3.28
C GLU A 86 23.16 -15.65 2.90
N SER A 87 22.13 -16.48 2.77
CA SER A 87 20.84 -16.09 2.19
C SER A 87 19.77 -16.07 3.29
N ARG A 88 20.18 -16.15 4.57
CA ARG A 88 19.23 -16.11 5.73
C ARG A 88 19.35 -14.78 6.49
N TYR A 89 18.24 -14.28 7.03
CA TYR A 89 18.18 -12.94 7.63
C TYR A 89 17.29 -13.01 8.87
N VAL A 90 17.68 -12.29 9.93
CA VAL A 90 16.91 -12.21 11.19
C VAL A 90 15.55 -11.59 10.91
N LEU A 91 14.50 -12.10 11.56
CA LEU A 91 13.18 -11.39 11.57
C LEU A 91 12.70 -11.26 13.01
N THR A 92 12.04 -10.18 13.33
CA THR A 92 11.36 -10.02 14.61
C THR A 92 9.96 -9.48 14.33
N GLY A 93 9.01 -9.76 15.21
CA GLY A 93 7.62 -9.33 14.98
C GLY A 93 6.78 -9.44 16.22
N ARG A 94 5.49 -9.21 16.05
CA ARG A 94 4.47 -9.36 17.11
C ARG A 94 3.23 -10.01 16.49
N TYR A 95 2.44 -10.66 17.34
CA TYR A 95 1.14 -11.24 16.97
C TYR A 95 0.22 -11.06 18.19
N ASP A 96 -1.08 -11.08 17.94
CA ASP A 96 -2.16 -11.04 18.95
C ASP A 96 -2.20 -12.40 19.65
N SER A 97 -1.73 -12.48 20.90
CA SER A 97 -1.56 -13.74 21.66
C SER A 97 -2.90 -14.12 22.31
N ALA A 98 -3.93 -13.29 22.23
CA ALA A 98 -5.31 -13.64 22.71
C ALA A 98 -6.29 -13.23 21.62
N PRO A 99 -6.30 -13.90 20.46
CA PRO A 99 -7.17 -13.50 19.35
C PRO A 99 -8.65 -13.63 19.74
N ALA A 100 -9.53 -13.08 18.91
CA ALA A 100 -11.00 -13.19 19.00
C ALA A 100 -11.40 -14.67 18.97
N THR A 101 -12.53 -15.01 19.58
CA THR A 101 -13.07 -16.39 19.67
C THR A 101 -14.26 -16.53 18.73
N ASP A 102 -14.29 -15.78 17.61
CA ASP A 102 -15.47 -15.70 16.70
C ASP A 102 -15.15 -16.30 15.32
N GLY A 103 -14.00 -16.98 15.18
CA GLY A 103 -13.54 -17.53 13.89
C GLY A 103 -12.61 -16.57 13.14
N SER A 104 -12.29 -15.41 13.72
CA SER A 104 -11.42 -14.41 13.09
C SER A 104 -9.99 -14.94 13.06
N GLY A 105 -9.19 -14.51 12.09
CA GLY A 105 -7.73 -14.75 12.11
C GLY A 105 -7.02 -13.97 13.22
N THR A 106 -5.72 -14.20 13.34
CA THR A 106 -4.85 -13.70 14.42
C THR A 106 -3.90 -12.68 13.77
N ALA A 107 -4.06 -11.41 14.14
CA ALA A 107 -3.29 -10.32 13.53
C ALA A 107 -1.82 -10.50 13.87
N LEU A 108 -0.94 -10.21 12.94
CA LEU A 108 0.51 -10.31 13.22
C LEU A 108 1.27 -9.49 12.22
N GLY A 109 2.56 -9.25 12.53
CA GLY A 109 3.49 -8.59 11.62
C GLY A 109 4.91 -8.92 11.94
N TRP A 110 5.82 -8.74 11.00
CA TRP A 110 7.26 -8.90 11.29
C TRP A 110 8.06 -8.13 10.25
N THR A 111 9.32 -7.85 10.59
CA THR A 111 10.28 -7.08 9.80
C THR A 111 11.47 -7.96 9.49
N VAL A 112 12.05 -7.80 8.31
CA VAL A 112 13.41 -8.29 7.96
C VAL A 112 14.18 -7.09 7.43
N ALA A 113 15.31 -6.74 8.05
CA ALA A 113 16.33 -5.84 7.44
C ALA A 113 17.27 -6.73 6.62
N TRP A 114 17.43 -6.40 5.35
CA TRP A 114 18.13 -7.27 4.38
C TRP A 114 19.64 -7.08 4.52
N LYS A 115 20.12 -7.15 5.75
CA LYS A 115 21.56 -7.26 6.09
C LYS A 115 21.80 -8.50 6.95
N ASN A 116 22.85 -9.24 6.63
CA ASN A 116 23.36 -10.34 7.48
C ASN A 116 24.88 -10.25 7.47
N ASN A 117 25.59 -11.31 7.87
CA ASN A 117 27.07 -11.32 7.98
C ASN A 117 27.73 -11.23 6.59
N TYR A 118 26.97 -11.38 5.51
CA TYR A 118 27.54 -11.57 4.15
C TYR A 118 27.08 -10.51 3.18
N ARG A 119 25.81 -10.10 3.30
CA ARG A 119 25.10 -9.32 2.26
C ARG A 119 24.39 -8.11 2.89
N ASN A 120 24.13 -7.09 2.08
CA ASN A 120 23.36 -5.90 2.48
C ASN A 120 22.67 -5.33 1.25
N ALA A 121 21.33 -5.39 1.20
CA ALA A 121 20.53 -4.84 0.09
C ALA A 121 19.98 -3.46 0.49
N HIS A 122 20.46 -2.88 1.61
CA HIS A 122 20.09 -1.55 2.13
C HIS A 122 18.56 -1.36 2.05
N SER A 123 17.82 -2.27 2.63
CA SER A 123 16.35 -2.24 2.57
C SER A 123 15.76 -3.06 3.71
N ALA A 124 14.48 -2.85 3.99
CA ALA A 124 13.76 -3.62 5.02
C ALA A 124 12.36 -3.91 4.48
N THR A 125 11.88 -5.13 4.70
CA THR A 125 10.49 -5.48 4.41
C THR A 125 9.73 -5.67 5.72
N THR A 126 8.52 -5.17 5.77
CA THR A 126 7.50 -5.51 6.81
C THR A 126 6.30 -6.18 6.16
N TRP A 127 5.92 -7.31 6.73
CA TRP A 127 4.71 -8.11 6.42
C TRP A 127 3.66 -7.84 7.50
N SER A 128 2.46 -7.49 7.09
CA SER A 128 1.31 -7.23 7.98
C SER A 128 0.20 -8.15 7.49
N GLY A 129 -0.41 -8.92 8.38
CA GLY A 129 -1.47 -9.86 7.95
C GLY A 129 -2.07 -10.65 9.07
N GLN A 130 -2.59 -11.83 8.74
CA GLN A 130 -3.29 -12.62 9.77
C GLN A 130 -3.05 -14.11 9.52
N TYR A 131 -2.95 -14.84 10.62
CA TYR A 131 -2.86 -16.31 10.65
C TYR A 131 -4.28 -16.86 10.69
N VAL A 132 -4.56 -17.82 9.80
CA VAL A 132 -5.84 -18.59 9.81
C VAL A 132 -5.47 -20.05 9.94
N GLY A 133 -5.95 -20.69 11.00
CA GLY A 133 -5.56 -22.05 11.41
C GLY A 133 -6.43 -23.07 10.71
N GLY A 134 -6.33 -24.33 11.14
CA GLY A 134 -7.13 -25.46 10.62
C GLY A 134 -6.35 -26.29 9.62
N ALA A 135 -7.05 -27.11 8.84
CA ALA A 135 -6.47 -28.16 7.97
C ALA A 135 -5.46 -27.54 7.01
N GLU A 136 -5.89 -26.48 6.30
CA GLU A 136 -5.03 -25.75 5.33
C GLU A 136 -4.64 -24.39 5.94
N ALA A 137 -3.81 -24.38 6.98
CA ALA A 137 -3.38 -23.16 7.69
C ALA A 137 -2.68 -22.20 6.70
N ARG A 138 -2.94 -20.91 6.85
CA ARG A 138 -2.36 -19.84 6.00
C ARG A 138 -1.92 -18.67 6.87
N ILE A 139 -0.86 -17.98 6.47
CA ILE A 139 -0.64 -16.57 6.89
C ILE A 139 -0.79 -15.70 5.64
N ASN A 140 -1.82 -14.87 5.62
CA ASN A 140 -2.13 -13.99 4.47
C ASN A 140 -1.54 -12.62 4.79
N THR A 141 -0.58 -12.16 3.99
CA THR A 141 0.10 -10.87 4.27
C THR A 141 0.01 -9.92 3.09
N GLN A 142 0.18 -8.64 3.41
CA GLN A 142 0.63 -7.57 2.51
C GLN A 142 1.95 -7.01 3.03
N TRP A 143 2.82 -6.59 2.14
CA TRP A 143 4.17 -6.18 2.60
C TRP A 143 4.61 -4.87 1.95
N LEU A 144 5.47 -4.14 2.67
CA LEU A 144 6.10 -2.87 2.23
C LEU A 144 7.61 -3.09 2.30
N LEU A 145 8.29 -2.91 1.18
CA LEU A 145 9.77 -3.01 1.15
C LEU A 145 10.30 -1.60 0.96
N THR A 146 10.96 -0.99 1.95
CA THR A 146 11.57 0.35 1.77
C THR A 146 13.06 0.17 1.52
N ALA A 147 13.59 0.79 0.47
CA ALA A 147 15.06 0.86 0.26
C ALA A 147 15.58 2.20 0.76
N GLY A 148 16.79 2.24 1.28
CA GLY A 148 17.50 3.50 1.52
C GLY A 148 17.64 4.27 0.23
N THR A 149 17.24 5.53 0.22
CA THR A 149 17.43 6.42 -0.95
C THR A 149 17.84 7.81 -0.47
N THR A 150 18.25 8.65 -1.42
CA THR A 150 18.35 10.12 -1.22
C THR A 150 16.93 10.67 -1.18
N GLU A 151 16.79 11.88 -0.63
CA GLU A 151 15.51 12.61 -0.46
C GLU A 151 14.88 12.77 -1.84
N ALA A 152 15.71 13.00 -2.86
CA ALA A 152 15.33 13.18 -4.28
C ALA A 152 14.61 11.93 -4.79
N ASN A 153 15.00 10.73 -4.33
CA ASN A 153 14.43 9.47 -4.84
C ASN A 153 13.48 8.81 -3.83
N ALA A 154 13.17 9.47 -2.72
CA ALA A 154 12.28 8.91 -1.67
C ALA A 154 10.95 8.49 -2.32
N TRP A 155 10.44 9.23 -3.30
CA TRP A 155 9.12 8.89 -3.91
C TRP A 155 9.12 7.45 -4.46
N LYS A 156 10.26 6.93 -4.90
CA LYS A 156 10.36 5.56 -5.46
C LYS A 156 11.14 4.65 -4.49
N SER A 157 10.99 4.84 -3.18
CA SER A 157 11.69 4.09 -2.11
C SER A 157 11.01 2.74 -1.79
N THR A 158 9.68 2.68 -1.94
CA THR A 158 8.85 1.64 -1.29
C THR A 158 8.09 0.81 -2.32
N LEU A 159 8.34 -0.51 -2.35
CA LEU A 159 7.55 -1.49 -3.10
C LEU A 159 6.44 -2.03 -2.19
N VAL A 160 5.31 -2.37 -2.79
CA VAL A 160 4.19 -3.00 -2.04
C VAL A 160 3.88 -4.34 -2.72
N GLY A 161 3.57 -5.35 -1.91
CA GLY A 161 3.18 -6.68 -2.40
C GLY A 161 2.27 -7.44 -1.47
N HIS A 162 2.02 -8.69 -1.83
CA HIS A 162 1.22 -9.62 -1.01
C HIS A 162 1.85 -11.01 -1.15
N ASP A 163 2.18 -11.61 -0.01
CA ASP A 163 2.59 -13.03 0.12
C ASP A 163 1.55 -13.86 0.90
N THR A 164 1.28 -15.07 0.42
CA THR A 164 0.49 -16.10 1.11
C THR A 164 1.43 -17.23 1.53
N PHE A 165 1.52 -17.47 2.84
CA PHE A 165 2.37 -18.50 3.47
C PHE A 165 1.51 -19.71 3.82
N THR A 166 2.00 -20.90 3.48
CA THR A 166 1.36 -22.18 3.85
C THR A 166 2.45 -23.04 4.50
N LYS A 167 2.03 -24.04 5.27
CA LYS A 167 2.94 -24.95 6.01
C LYS A 167 3.48 -26.04 5.07
N VAL A 168 2.88 -26.17 3.88
CA VAL A 168 3.25 -27.13 2.80
C VAL A 168 4.14 -26.44 1.77
N LYS A 169 5.15 -27.15 1.25
CA LYS A 169 6.21 -26.57 0.36
C LYS A 169 5.69 -26.53 -1.08
N ASP B 13 -16.10 18.17 -3.65
CA ASP B 13 -17.20 18.74 -4.47
C ASP B 13 -16.72 18.98 -5.90
N GLN B 14 -17.66 19.05 -6.84
CA GLN B 14 -17.38 19.30 -8.28
C GLN B 14 -16.65 20.64 -8.46
N ALA B 15 -17.18 21.69 -7.84
CA ALA B 15 -16.65 23.08 -7.93
C ALA B 15 -15.26 23.11 -7.29
N GLY B 16 -15.10 22.42 -6.16
CA GLY B 16 -13.87 22.38 -5.35
C GLY B 16 -12.73 21.67 -6.05
N ILE B 17 -13.04 20.60 -6.79
CA ILE B 17 -12.02 19.69 -7.40
C ILE B 17 -11.51 20.26 -8.73
N THR B 18 -12.39 20.89 -9.50
CA THR B 18 -12.04 21.35 -10.87
C THR B 18 -10.94 22.41 -10.74
N GLY B 19 -9.87 22.26 -11.49
CA GLY B 19 -8.76 23.21 -11.46
C GLY B 19 -7.40 22.55 -11.46
N THR B 20 -6.40 23.34 -11.07
CA THR B 20 -4.98 23.02 -11.15
C THR B 20 -4.46 22.77 -9.74
N TRP B 21 -3.76 21.65 -9.55
CA TRP B 21 -3.28 21.18 -8.23
C TRP B 21 -1.79 20.88 -8.35
N TYR B 22 -1.04 21.10 -7.28
CA TYR B 22 0.43 20.91 -7.22
C TYR B 22 0.71 20.03 -5.99
N ASN B 23 1.59 19.06 -6.16
CA ASN B 23 1.95 18.17 -5.04
C ASN B 23 3.32 18.60 -4.49
N GLN B 24 3.78 17.90 -3.45
CA GLN B 24 5.04 18.18 -2.69
C GLN B 24 6.26 17.91 -3.59
N LEU B 25 6.10 17.16 -4.68
CA LEU B 25 7.21 16.91 -5.63
C LEU B 25 7.28 18.05 -6.65
N GLY B 26 6.26 18.90 -6.73
CA GLY B 26 6.15 19.97 -7.74
C GLY B 26 5.47 19.50 -9.03
N SER B 27 4.89 18.31 -9.08
CA SER B 27 4.03 17.85 -10.20
C SER B 27 2.74 18.67 -10.27
N THR B 28 2.15 18.80 -11.47
CA THR B 28 0.94 19.61 -11.76
C THR B 28 -0.15 18.68 -12.28
N PHE B 29 -1.31 18.72 -11.65
CA PHE B 29 -2.50 17.90 -11.99
C PHE B 29 -3.58 18.92 -12.36
N ILE B 30 -4.03 18.88 -13.62
CA ILE B 30 -5.13 19.74 -14.14
C ILE B 30 -6.30 18.81 -14.42
N VAL B 31 -7.44 19.07 -13.78
CA VAL B 31 -8.61 18.15 -13.77
C VAL B 31 -9.90 18.95 -13.97
N THR B 32 -10.81 18.40 -14.77
CA THR B 32 -12.22 18.83 -14.80
C THR B 32 -13.05 17.73 -14.14
N ALA B 33 -13.84 18.10 -13.16
CA ALA B 33 -14.83 17.21 -12.51
C ALA B 33 -16.20 17.41 -13.18
N GLY B 34 -16.74 16.35 -13.80
CA GLY B 34 -18.05 16.35 -14.48
C GLY B 34 -19.19 16.16 -13.47
N ALA B 35 -20.40 16.60 -13.80
CA ALA B 35 -21.58 16.54 -12.90
C ALA B 35 -21.94 15.08 -12.59
N ASP B 36 -21.45 14.15 -13.42
CA ASP B 36 -21.74 12.70 -13.49
C ASP B 36 -20.70 11.90 -12.68
N GLY B 37 -19.64 12.53 -12.15
CA GLY B 37 -18.60 11.90 -11.35
C GLY B 37 -17.33 11.62 -12.16
N ALA B 38 -17.21 12.09 -13.41
CA ALA B 38 -15.97 11.88 -14.21
C ALA B 38 -14.86 12.83 -13.76
N LEU B 39 -13.64 12.35 -13.78
CA LEU B 39 -12.44 13.22 -13.70
C LEU B 39 -11.71 13.04 -15.03
N THR B 40 -11.40 14.16 -15.69
CA THR B 40 -10.57 14.18 -16.93
C THR B 40 -9.53 15.27 -16.79
N GLY B 41 -8.36 15.08 -17.38
CA GLY B 41 -7.35 16.14 -17.34
C GLY B 41 -6.01 15.67 -17.81
N THR B 42 -4.97 16.38 -17.37
CA THR B 42 -3.58 16.07 -17.72
C THR B 42 -2.79 16.06 -16.40
N TYR B 43 -1.74 15.24 -16.39
CA TYR B 43 -0.79 15.16 -15.26
C TYR B 43 0.61 15.40 -15.82
N GLU B 44 1.33 16.29 -15.16
CA GLU B 44 2.76 16.58 -15.45
C GLU B 44 3.57 16.23 -14.21
N SER B 45 4.36 15.17 -14.26
CA SER B 45 5.19 14.74 -13.13
C SER B 45 6.52 15.48 -13.17
N ALA B 46 6.94 16.00 -12.03
CA ALA B 46 8.26 16.64 -11.79
C ALA B 46 9.35 15.57 -11.75
N VAL B 47 8.99 14.27 -11.63
CA VAL B 47 9.95 13.17 -11.36
C VAL B 47 9.62 11.97 -12.24
N GLY B 48 10.66 11.21 -12.57
CA GLY B 48 10.61 9.87 -13.18
C GLY B 48 10.23 9.88 -14.65
N ALA B 49 10.14 11.03 -15.32
CA ALA B 49 9.74 11.06 -16.76
C ALA B 49 10.94 11.45 -17.63
N GLY B 50 12.17 11.25 -17.14
CA GLY B 50 13.41 11.58 -17.85
C GLY B 50 13.79 13.05 -17.76
N ALA B 51 13.12 13.82 -16.87
CA ALA B 51 13.30 15.27 -16.66
C ALA B 51 13.87 15.57 -15.25
N ASP B 52 14.14 14.51 -14.45
CA ASP B 52 14.77 14.52 -13.10
C ASP B 52 14.07 13.49 -12.18
N ALA B 85 4.60 19.48 -22.62
CA ALA B 85 4.01 18.42 -23.47
C ALA B 85 4.86 17.15 -23.35
N GLU B 86 6.18 17.31 -23.37
CA GLU B 86 7.17 16.29 -22.94
C GLU B 86 6.59 15.43 -21.81
N SER B 87 6.33 16.08 -20.67
CA SER B 87 6.06 15.42 -19.37
C SER B 87 4.55 15.45 -19.06
N ARG B 88 3.69 15.68 -20.06
CA ARG B 88 2.22 15.72 -19.84
C ARG B 88 1.55 14.41 -20.29
N TYR B 89 0.61 13.92 -19.49
CA TYR B 89 -0.04 12.61 -19.68
C TYR B 89 -1.53 12.78 -19.39
N VAL B 90 -2.33 12.07 -20.16
CA VAL B 90 -3.79 11.99 -19.99
C VAL B 90 -4.07 11.33 -18.65
N LEU B 91 -5.06 11.83 -17.93
CA LEU B 91 -5.60 11.12 -16.75
C LEU B 91 -7.11 11.03 -16.86
N THR B 92 -7.65 9.98 -16.25
CA THR B 92 -9.10 9.83 -16.14
C THR B 92 -9.37 9.31 -14.75
N GLY B 93 -10.53 9.64 -14.19
CA GLY B 93 -10.86 9.08 -12.88
C GLY B 93 -12.30 9.31 -12.57
N ARG B 94 -12.65 9.09 -11.31
CA ARG B 94 -14.03 9.22 -10.81
C ARG B 94 -13.94 9.89 -9.43
N TYR B 95 -15.04 10.49 -9.01
CA TYR B 95 -15.18 11.08 -7.67
C TYR B 95 -16.63 10.91 -7.29
N ASP B 96 -16.88 10.94 -5.99
CA ASP B 96 -18.22 10.96 -5.37
C ASP B 96 -18.85 12.33 -5.70
N SER B 97 -19.84 12.38 -6.60
CA SER B 97 -20.50 13.66 -6.99
C SER B 97 -21.57 14.03 -5.96
N ALA B 98 -21.87 13.20 -4.97
CA ALA B 98 -22.85 13.53 -3.90
C ALA B 98 -22.22 13.21 -2.55
N PRO B 99 -21.12 13.91 -2.18
CA PRO B 99 -20.43 13.62 -0.92
C PRO B 99 -21.31 13.99 0.26
N ALA B 100 -21.00 13.43 1.43
CA ALA B 100 -21.54 13.85 2.74
C ALA B 100 -21.33 15.37 2.89
N THR B 101 -22.10 16.00 3.78
CA THR B 101 -22.17 17.46 3.96
C THR B 101 -21.68 17.84 5.37
N ASP B 102 -21.22 16.85 6.14
CA ASP B 102 -20.86 16.96 7.59
C ASP B 102 -19.40 17.39 7.75
N GLY B 103 -18.72 17.79 6.68
CA GLY B 103 -17.28 18.14 6.72
C GLY B 103 -16.39 16.95 6.43
N SER B 104 -16.97 15.81 6.02
CA SER B 104 -16.18 14.66 5.49
C SER B 104 -15.60 15.02 4.12
N GLY B 105 -14.43 14.51 3.80
CA GLY B 105 -13.83 14.65 2.46
C GLY B 105 -14.65 13.98 1.35
N THR B 106 -14.28 14.23 0.10
CA THR B 106 -14.95 13.68 -1.11
C THR B 106 -14.02 12.66 -1.75
N ALA B 107 -14.44 11.39 -1.72
CA ALA B 107 -13.61 10.25 -2.19
C ALA B 107 -13.41 10.40 -3.69
N LEU B 108 -12.21 10.12 -4.16
CA LEU B 108 -11.92 10.14 -5.61
C LEU B 108 -10.69 9.29 -5.90
N GLY B 109 -10.47 9.03 -7.18
CA GLY B 109 -9.24 8.41 -7.69
C GLY B 109 -9.05 8.73 -9.15
N TRP B 110 -7.84 8.55 -9.63
CA TRP B 110 -7.59 8.70 -11.07
C TRP B 110 -6.35 7.89 -11.43
N THR B 111 -6.18 7.70 -12.73
CA THR B 111 -5.12 6.85 -13.30
C THR B 111 -4.39 7.68 -14.33
N VAL B 112 -3.09 7.47 -14.42
CA VAL B 112 -2.25 7.95 -15.55
C VAL B 112 -1.46 6.74 -16.05
N ALA B 113 -1.59 6.43 -17.34
CA ALA B 113 -0.69 5.52 -18.08
C ALA B 113 0.44 6.38 -18.63
N TRP B 114 1.69 6.04 -18.28
CA TRP B 114 2.89 6.88 -18.53
C TRP B 114 3.34 6.68 -19.98
N LYS B 115 2.39 6.87 -20.88
CA LYS B 115 2.65 6.91 -22.34
C LYS B 115 2.02 8.18 -22.87
N ASN B 116 2.79 8.98 -23.59
CA ASN B 116 2.24 10.11 -24.40
C ASN B 116 2.84 9.98 -25.79
N ASN B 117 2.87 11.03 -26.60
CA ASN B 117 3.39 10.93 -27.99
C ASN B 117 4.92 11.01 -28.01
N TYR B 118 5.56 11.29 -26.88
CA TYR B 118 7.00 11.52 -26.74
C TYR B 118 7.70 10.33 -26.06
N ARG B 119 7.06 9.71 -25.07
CA ARG B 119 7.72 8.81 -24.10
C ARG B 119 6.77 7.68 -23.68
N ASN B 120 7.36 6.60 -23.17
CA ASN B 120 6.65 5.42 -22.61
C ASN B 120 7.50 4.79 -21.49
N ALA B 121 7.07 4.89 -20.23
CA ALA B 121 7.71 4.26 -19.07
C ALA B 121 7.11 2.89 -18.79
N HIS B 122 6.15 2.41 -19.58
CA HIS B 122 5.52 1.08 -19.48
C HIS B 122 5.03 0.90 -18.04
N SER B 123 4.27 1.87 -17.56
CA SER B 123 3.82 1.92 -16.16
C SER B 123 2.51 2.69 -16.05
N ALA B 124 1.81 2.50 -14.95
CA ALA B 124 0.59 3.26 -14.66
C ALA B 124 0.57 3.53 -13.16
N THR B 125 0.21 4.76 -12.81
CA THR B 125 -0.07 5.17 -11.42
C THR B 125 -1.58 5.35 -11.26
N THR B 126 -2.09 4.90 -10.14
CA THR B 126 -3.46 5.24 -9.62
C THR B 126 -3.30 5.96 -8.28
N TRP B 127 -4.00 7.09 -8.15
CA TRP B 127 -4.11 7.88 -6.92
C TRP B 127 -5.50 7.63 -6.36
N SER B 128 -5.57 7.28 -5.08
CA SER B 128 -6.82 7.08 -4.32
C SER B 128 -6.77 8.02 -3.13
N GLY B 129 -7.82 8.80 -2.90
CA GLY B 129 -7.77 9.75 -1.78
C GLY B 129 -9.05 10.52 -1.60
N GLN B 130 -8.93 11.69 -0.99
CA GLN B 130 -10.14 12.50 -0.73
C GLN B 130 -9.77 13.97 -0.88
N TYR B 131 -10.69 14.71 -1.45
CA TYR B 131 -10.66 16.18 -1.55
C TYR B 131 -11.20 16.73 -0.22
N VAL B 132 -10.46 17.65 0.39
CA VAL B 132 -10.92 18.42 1.57
C VAL B 132 -10.97 19.91 1.20
N GLY B 133 -12.16 20.50 1.26
CA GLY B 133 -12.42 21.91 0.94
C GLY B 133 -11.93 22.84 2.05
N GLY B 134 -12.15 24.14 1.89
CA GLY B 134 -11.76 25.17 2.88
C GLY B 134 -10.72 26.12 2.31
N ALA B 135 -10.38 27.14 3.08
CA ALA B 135 -9.41 28.18 2.71
C ALA B 135 -8.16 27.52 2.14
N GLU B 136 -7.72 26.43 2.77
CA GLU B 136 -6.53 25.66 2.34
C GLU B 136 -6.96 24.25 1.89
N ALA B 137 -7.64 24.21 0.74
CA ALA B 137 -8.12 22.97 0.07
C ALA B 137 -6.95 22.01 -0.17
N ARG B 138 -7.20 20.70 -0.06
CA ARG B 138 -6.18 19.65 -0.25
C ARG B 138 -6.86 18.47 -0.93
N ILE B 139 -6.10 17.77 -1.76
CA ILE B 139 -6.43 16.36 -2.11
C ILE B 139 -5.32 15.50 -1.49
N ASN B 140 -5.69 14.68 -0.52
CA ASN B 140 -4.74 13.78 0.17
C ASN B 140 -4.87 12.41 -0.48
N THR B 141 -3.79 11.88 -1.02
CA THR B 141 -3.82 10.61 -1.79
C THR B 141 -2.76 9.65 -1.27
N GLN B 142 -3.00 8.38 -1.57
CA GLN B 142 -1.99 7.30 -1.63
C GLN B 142 -2.01 6.79 -3.04
N TRP B 143 -0.86 6.36 -3.53
CA TRP B 143 -0.78 5.94 -4.94
C TRP B 143 -0.07 4.60 -5.08
N LEU B 144 -0.45 3.82 -6.10
CA LEU B 144 0.23 2.58 -6.51
C LEU B 144 0.74 2.77 -7.93
N LEU B 145 2.01 2.53 -8.18
CA LEU B 145 2.59 2.68 -9.55
C LEU B 145 3.03 1.31 -10.02
N THR B 146 2.36 0.68 -10.99
CA THR B 146 2.75 -0.68 -11.46
C THR B 146 3.51 -0.56 -12.78
N ALA B 147 4.68 -1.17 -12.86
CA ALA B 147 5.43 -1.28 -14.12
C ALA B 147 5.10 -2.63 -14.75
N GLY B 148 5.04 -2.68 -16.07
CA GLY B 148 5.07 -3.96 -16.80
C GLY B 148 6.35 -4.72 -16.53
N THR B 149 6.20 -5.98 -16.13
CA THR B 149 7.33 -6.86 -15.77
C THR B 149 7.10 -8.25 -16.36
N THR B 150 8.17 -9.01 -16.49
CA THR B 150 8.08 -10.48 -16.67
C THR B 150 7.48 -11.05 -15.38
N GLU B 151 7.04 -12.30 -15.44
CA GLU B 151 6.39 -13.02 -14.32
C GLU B 151 7.45 -13.21 -13.22
N ALA B 152 8.72 -13.32 -13.61
CA ALA B 152 9.91 -13.38 -12.73
C ALA B 152 9.95 -12.16 -11.80
N ASN B 153 9.78 -10.95 -12.34
CA ASN B 153 10.00 -9.68 -11.60
C ASN B 153 8.69 -9.13 -11.04
N ALA B 154 7.57 -9.83 -11.21
CA ALA B 154 6.22 -9.34 -10.82
C ALA B 154 6.21 -8.94 -9.35
N TRP B 155 7.00 -9.61 -8.50
CA TRP B 155 7.01 -9.33 -7.05
C TRP B 155 7.52 -7.88 -6.84
N LYS B 156 8.37 -7.35 -7.70
CA LYS B 156 8.89 -5.95 -7.52
C LYS B 156 8.30 -5.02 -8.60
N SER B 157 7.05 -5.26 -9.02
CA SER B 157 6.33 -4.48 -10.07
C SER B 157 5.81 -3.14 -9.53
N THR B 158 5.49 -3.04 -8.24
CA THR B 158 4.54 -2.01 -7.75
C THR B 158 5.17 -1.14 -6.65
N LEU B 159 5.33 0.15 -6.93
CA LEU B 159 5.71 1.16 -5.91
C LEU B 159 4.45 1.67 -5.21
N VAL B 160 4.59 2.09 -3.96
CA VAL B 160 3.50 2.73 -3.17
C VAL B 160 4.04 4.04 -2.59
N GLY B 161 3.22 5.09 -2.64
CA GLY B 161 3.57 6.39 -2.07
C GLY B 161 2.34 7.17 -1.63
N HIS B 162 2.57 8.43 -1.31
CA HIS B 162 1.54 9.40 -0.92
C HIS B 162 1.93 10.79 -1.44
N ASP B 163 0.96 11.44 -2.07
CA ASP B 163 1.02 12.83 -2.61
C ASP B 163 -0.06 13.66 -1.92
N THR B 164 0.31 14.86 -1.50
CA THR B 164 -0.64 15.89 -1.06
C THR B 164 -0.66 17.01 -2.10
N PHE B 165 -1.83 17.26 -2.67
CA PHE B 165 -2.12 18.30 -3.70
C PHE B 165 -2.73 19.51 -2.97
N THR B 166 -2.23 20.70 -3.30
CA THR B 166 -2.83 21.98 -2.83
C THR B 166 -3.04 22.88 -4.06
N LYS B 167 -3.76 23.99 -3.93
CA LYS B 167 -4.10 24.91 -5.05
C LYS B 167 -2.96 25.93 -5.26
N VAL B 168 -2.03 26.03 -4.29
CA VAL B 168 -0.81 26.90 -4.37
C VAL B 168 0.44 26.01 -4.44
N LYS B 169 1.53 26.47 -5.08
CA LYS B 169 2.81 25.71 -5.16
C LYS B 169 3.48 25.70 -3.77
N ASP C 13 23.51 6.33 12.55
CA ASP C 13 22.13 5.76 12.35
C ASP C 13 21.68 4.99 13.59
N GLN C 14 22.56 4.26 14.29
CA GLN C 14 22.24 3.62 15.60
C GLN C 14 22.02 4.71 16.65
N ALA C 15 22.99 5.64 16.73
CA ALA C 15 22.90 6.82 17.60
C ALA C 15 21.72 7.70 17.14
N GLY C 16 21.61 7.94 15.83
CA GLY C 16 20.53 8.73 15.22
C GLY C 16 19.14 8.18 15.55
N ILE C 17 18.93 6.85 15.48
CA ILE C 17 17.58 6.22 15.59
C ILE C 17 17.15 6.14 17.05
N THR C 18 18.07 5.77 17.93
CA THR C 18 17.76 5.53 19.35
C THR C 18 17.16 6.78 19.97
N GLY C 19 16.00 6.65 20.62
CA GLY C 19 15.36 7.74 21.38
C GLY C 19 13.86 7.78 21.18
N THR C 20 13.30 8.98 21.32
CA THR C 20 11.85 9.23 21.34
C THR C 20 11.47 10.00 20.09
N TRP C 21 10.45 9.51 19.39
CA TRP C 21 9.96 10.13 18.14
C TRP C 21 8.46 10.39 18.27
N TYR C 22 7.96 11.38 17.53
CA TYR C 22 6.56 11.86 17.55
C TYR C 22 6.13 11.94 16.09
N ASN C 23 4.92 11.52 15.77
CA ASN C 23 4.42 11.66 14.38
C ASN C 23 3.34 12.74 14.31
N GLN C 24 2.81 12.97 13.11
CA GLN C 24 1.86 14.06 12.81
C GLN C 24 0.53 13.84 13.57
N LEU C 25 0.26 12.64 14.10
CA LEU C 25 -0.99 12.38 14.88
C LEU C 25 -0.78 12.72 16.36
N GLY C 26 0.45 12.98 16.82
CA GLY C 26 0.75 13.10 18.26
C GLY C 26 1.13 11.79 18.94
N SER C 27 1.27 10.67 18.21
CA SER C 27 1.75 9.37 18.76
C SER C 27 3.25 9.45 19.12
N THR C 28 3.68 8.61 20.06
CA THR C 28 5.04 8.61 20.62
C THR C 28 5.63 7.21 20.44
N PHE C 29 6.84 7.20 19.91
CA PHE C 29 7.60 5.99 19.56
C PHE C 29 8.93 6.15 20.28
N ILE C 30 9.20 5.30 21.27
CA ILE C 30 10.49 5.25 21.98
C ILE C 30 11.15 3.94 21.56
N VAL C 31 12.40 3.99 21.12
CA VAL C 31 13.08 2.83 20.51
C VAL C 31 14.56 2.80 20.90
N THR C 32 15.11 1.60 21.09
CA THR C 32 16.57 1.41 21.17
C THR C 32 16.97 0.62 19.93
N ALA C 33 17.94 1.13 19.18
CA ALA C 33 18.56 0.39 18.06
C ALA C 33 19.74 -0.38 18.64
N GLY C 34 19.79 -1.72 18.49
CA GLY C 34 20.95 -2.56 18.87
C GLY C 34 22.04 -2.46 17.83
N ALA C 35 23.31 -2.81 18.14
CA ALA C 35 24.43 -2.75 17.16
C ALA C 35 24.25 -3.87 16.14
N ASP C 36 23.42 -4.85 16.51
CA ASP C 36 23.04 -6.08 15.75
C ASP C 36 21.92 -5.78 14.73
N GLY C 37 21.26 -4.63 14.85
CA GLY C 37 20.22 -4.20 13.90
C GLY C 37 18.84 -4.42 14.48
N ALA C 38 18.72 -4.71 15.78
CA ALA C 38 17.41 -4.84 16.47
C ALA C 38 16.84 -3.44 16.76
N LEU C 39 15.51 -3.32 16.71
CA LEU C 39 14.76 -2.19 17.30
C LEU C 39 13.89 -2.84 18.37
N THR C 40 13.86 -2.24 19.55
CA THR C 40 12.98 -2.64 20.68
C THR C 40 12.46 -1.38 21.35
N GLY C 41 11.21 -1.36 21.77
CA GLY C 41 10.73 -0.30 22.63
C GLY C 41 9.23 -0.36 22.79
N THR C 42 8.59 0.80 22.81
CA THR C 42 7.16 0.94 23.13
C THR C 42 6.57 2.02 22.24
N TYR C 43 5.33 1.79 21.85
CA TYR C 43 4.57 2.74 21.02
C TYR C 43 3.32 3.16 21.78
N GLU C 44 3.03 4.45 21.75
CA GLU C 44 1.78 5.01 22.28
C GLU C 44 1.07 5.75 21.15
N SER C 45 -0.08 5.23 20.68
CA SER C 45 -0.89 5.88 19.62
C SER C 45 -1.82 6.94 20.24
N ALA C 46 -1.88 8.12 19.66
CA ALA C 46 -2.86 9.17 20.03
C ALA C 46 -4.28 8.84 19.49
N VAL C 47 -4.42 7.87 18.58
CA VAL C 47 -5.70 7.53 17.90
C VAL C 47 -5.91 6.01 18.01
N GLY C 48 -7.18 5.56 17.99
CA GLY C 48 -7.58 4.13 18.10
C GLY C 48 -7.07 3.51 19.40
N ALA C 49 -7.11 2.18 19.54
CA ALA C 49 -6.56 1.47 20.72
C ALA C 49 -7.06 2.08 22.04
N GLY C 50 -8.30 2.60 22.08
CA GLY C 50 -8.89 3.33 23.22
C GLY C 50 -8.01 4.49 23.67
N ALA C 85 0.44 3.53 30.96
CA ALA C 85 0.83 2.20 30.43
C ALA C 85 -0.35 1.50 29.75
N GLU C 86 -1.58 1.84 30.12
CA GLU C 86 -2.81 1.29 29.49
C GLU C 86 -2.75 1.49 27.98
N SER C 87 -2.04 2.50 27.49
CA SER C 87 -1.99 2.84 26.05
C SER C 87 -0.55 2.73 25.49
N ARG C 88 0.31 1.97 26.15
CA ARG C 88 1.66 1.62 25.63
C ARG C 88 1.64 0.18 25.12
N TYR C 89 2.36 -0.06 24.04
CA TYR C 89 2.40 -1.37 23.39
C TYR C 89 3.85 -1.66 23.00
N VAL C 90 4.19 -2.93 23.05
CA VAL C 90 5.57 -3.40 22.74
C VAL C 90 5.77 -3.22 21.24
N LEU C 91 6.97 -2.83 20.85
CA LEU C 91 7.36 -2.85 19.42
C LEU C 91 8.70 -3.54 19.29
N THR C 92 8.86 -4.24 18.18
CA THR C 92 10.13 -4.85 17.77
C THR C 92 10.29 -4.57 16.29
N GLY C 93 11.53 -4.49 15.84
CA GLY C 93 11.77 -4.34 14.41
C GLY C 93 13.22 -4.52 14.12
N ARG C 94 13.61 -4.16 12.92
CA ARG C 94 15.01 -4.26 12.42
C ARG C 94 15.35 -2.98 11.66
N TYR C 95 16.64 -2.69 11.51
CA TYR C 95 17.13 -1.56 10.69
C TYR C 95 18.46 -2.01 10.11
N ASP C 96 18.87 -1.35 9.03
CA ASP C 96 20.17 -1.57 8.34
C ASP C 96 21.24 -0.92 9.21
N SER C 97 22.06 -1.73 9.89
CA SER C 97 23.10 -1.23 10.82
C SER C 97 24.38 -0.93 10.06
N ALA C 98 24.41 -1.03 8.74
CA ALA C 98 25.54 -0.56 7.91
C ALA C 98 24.99 0.14 6.67
N PRO C 99 24.27 1.26 6.80
CA PRO C 99 23.68 1.93 5.65
C PRO C 99 24.74 2.45 4.67
N ALA C 100 24.32 2.75 3.44
CA ALA C 100 25.17 3.45 2.44
C ALA C 100 25.60 4.78 3.09
N THR C 101 26.76 5.25 2.68
CA THR C 101 27.39 6.46 3.28
C THR C 101 27.24 7.62 2.29
N ASP C 102 26.44 7.39 1.22
CA ASP C 102 26.36 8.21 -0.01
C ASP C 102 25.23 9.25 0.12
N GLY C 103 24.63 9.38 1.30
CA GLY C 103 23.53 10.33 1.54
C GLY C 103 22.20 9.63 1.55
N SER C 104 22.16 8.32 1.30
CA SER C 104 20.88 7.57 1.32
C SER C 104 20.44 7.42 2.77
N GLY C 105 19.13 7.35 2.99
CA GLY C 105 18.51 7.06 4.30
C GLY C 105 18.86 5.65 4.78
N THR C 106 18.43 5.32 6.00
CA THR C 106 18.66 4.01 6.65
C THR C 106 17.32 3.28 6.69
N ALA C 107 17.19 2.19 5.93
CA ALA C 107 15.97 1.37 5.83
C ALA C 107 15.64 0.73 7.18
N LEU C 108 14.38 0.69 7.54
CA LEU C 108 13.99 0.07 8.82
C LEU C 108 12.51 -0.25 8.77
N GLY C 109 12.11 -1.11 9.68
CA GLY C 109 10.69 -1.38 9.92
C GLY C 109 10.46 -1.86 11.32
N TRP C 110 9.22 -1.76 11.79
CA TRP C 110 8.86 -2.32 13.10
C TRP C 110 7.38 -2.69 13.09
N THR C 111 7.03 -3.57 14.02
CA THR C 111 5.66 -4.05 14.27
C THR C 111 5.21 -3.66 15.69
N VAL C 112 3.93 -3.33 15.81
CA VAL C 112 3.14 -3.29 17.08
C VAL C 112 1.91 -4.18 16.91
N ALA C 113 1.77 -5.16 17.81
CA ALA C 113 0.49 -5.87 18.02
C ALA C 113 -0.30 -5.12 19.09
N TRP C 114 -1.56 -4.83 18.80
CA TRP C 114 -2.36 -3.88 19.61
C TRP C 114 -3.02 -4.63 20.77
N LYS C 115 -2.16 -5.34 21.48
CA LYS C 115 -2.51 -6.05 22.74
C LYS C 115 -1.50 -5.65 23.79
N ASN C 116 -1.97 -5.19 24.95
CA ASN C 116 -1.09 -5.01 26.14
C ASN C 116 -1.81 -5.66 27.33
N ASN C 117 -1.54 -5.25 28.56
CA ASN C 117 -2.13 -5.95 29.74
C ASN C 117 -3.56 -5.47 29.94
N TYR C 118 -3.97 -4.40 29.25
CA TYR C 118 -5.21 -3.64 29.53
C TYR C 118 -6.21 -3.71 28.39
N ARG C 119 -5.75 -3.87 27.14
CA ARG C 119 -6.59 -3.69 25.92
C ARG C 119 -6.07 -4.62 24.82
N ASN C 120 -6.97 -4.94 23.90
CA ASN C 120 -6.71 -5.78 22.70
C ASN C 120 -7.62 -5.30 21.56
N ALA C 121 -7.03 -4.72 20.52
CA ALA C 121 -7.77 -4.22 19.34
C ALA C 121 -7.70 -5.27 18.22
N HIS C 122 -7.17 -6.46 18.53
CA HIS C 122 -7.13 -7.64 17.63
C HIS C 122 -6.54 -7.20 16.29
N SER C 123 -5.39 -6.52 16.32
CA SER C 123 -4.77 -5.96 15.10
C SER C 123 -3.27 -5.80 15.28
N ALA C 124 -2.57 -5.58 14.17
CA ALA C 124 -1.10 -5.32 14.18
C ALA C 124 -0.78 -4.31 13.09
N THR C 125 0.09 -3.34 13.40
CA THR C 125 0.60 -2.37 12.43
C THR C 125 2.08 -2.64 12.22
N THR C 126 2.51 -2.59 10.96
CA THR C 126 3.94 -2.56 10.55
C THR C 126 4.20 -1.23 9.86
N TRP C 127 5.28 -0.58 10.28
CA TRP C 127 5.85 0.64 9.64
C TRP C 127 7.11 0.21 8.86
N SER C 128 7.15 0.55 7.58
CA SER C 128 8.32 0.34 6.71
C SER C 128 8.78 1.72 6.27
N GLY C 129 10.09 2.02 6.39
CA GLY C 129 10.53 3.38 6.06
C GLY C 129 12.03 3.55 6.12
N GLN C 130 12.46 4.80 6.21
CA GLN C 130 13.90 5.12 6.26
C GLN C 130 14.10 6.26 7.24
N TYR C 131 15.19 6.16 7.99
CA TYR C 131 15.70 7.21 8.91
C TYR C 131 16.52 8.18 8.08
N VAL C 132 16.24 9.48 8.17
CA VAL C 132 17.06 10.54 7.51
C VAL C 132 17.67 11.41 8.63
N GLY C 133 19.00 11.49 8.63
CA GLY C 133 19.78 12.10 9.72
C GLY C 133 19.83 13.60 9.56
N GLY C 134 20.55 14.28 10.47
CA GLY C 134 20.91 15.71 10.38
C GLY C 134 20.13 16.57 11.36
N ALA C 135 20.13 17.89 11.14
CA ALA C 135 19.60 18.89 12.10
C ALA C 135 18.13 18.57 12.33
N GLU C 136 17.41 18.27 11.25
CA GLU C 136 15.95 18.00 11.27
C GLU C 136 15.72 16.54 10.86
N ALA C 137 16.20 15.61 11.71
CA ALA C 137 16.19 14.15 11.48
C ALA C 137 14.72 13.68 11.41
N ARG C 138 14.46 12.70 10.57
CA ARG C 138 13.09 12.21 10.34
C ARG C 138 13.13 10.69 10.18
N ILE C 139 12.04 10.05 10.55
CA ILE C 139 11.70 8.70 10.04
C ILE C 139 10.43 8.82 9.20
N ASN C 140 10.60 8.63 7.90
CA ASN C 140 9.50 8.66 6.89
C ASN C 140 9.03 7.23 6.71
N THR C 141 7.75 6.98 7.02
CA THR C 141 7.17 5.62 7.01
C THR C 141 5.92 5.54 6.14
N GLN C 142 5.67 4.33 5.66
CA GLN C 142 4.35 3.85 5.19
C GLN C 142 3.96 2.68 6.12
N TRP C 143 2.68 2.52 6.41
CA TRP C 143 2.28 1.47 7.37
C TRP C 143 1.09 0.67 6.86
N LEU C 144 1.02 -0.60 7.31
CA LEU C 144 -0.10 -1.50 7.04
C LEU C 144 -0.64 -1.96 8.38
N LEU C 145 -1.93 -1.81 8.57
CA LEU C 145 -2.61 -2.23 9.81
C LEU C 145 -3.58 -3.34 9.46
N THR C 146 -3.31 -4.59 9.86
CA THR C 146 -4.25 -5.70 9.61
C THR C 146 -5.01 -5.98 10.91
N ALA C 147 -6.32 -6.03 10.82
CA ALA C 147 -7.25 -6.51 11.87
C ALA C 147 -7.56 -7.98 11.60
N GLY C 148 -7.64 -8.79 12.65
CA GLY C 148 -8.18 -10.16 12.54
C GLY C 148 -9.59 -10.11 12.00
N THR C 149 -9.92 -10.94 11.01
CA THR C 149 -11.28 -10.99 10.40
C THR C 149 -11.63 -12.45 10.07
N THR C 150 -12.92 -12.76 9.95
CA THR C 150 -13.42 -13.94 9.21
C THR C 150 -12.93 -13.86 7.76
N GLU C 151 -12.91 -14.99 7.05
CA GLU C 151 -12.58 -15.11 5.60
C GLU C 151 -13.49 -14.18 4.78
N ALA C 152 -14.76 -14.09 5.15
CA ALA C 152 -15.79 -13.22 4.51
C ALA C 152 -15.32 -11.76 4.43
N ASN C 153 -14.71 -11.23 5.50
CA ASN C 153 -14.36 -9.79 5.64
C ASN C 153 -12.86 -9.52 5.40
N ALA C 154 -12.07 -10.51 5.00
CA ALA C 154 -10.60 -10.36 4.79
C ALA C 154 -10.30 -9.26 3.77
N TRP C 155 -11.13 -9.07 2.75
CA TRP C 155 -10.88 -8.01 1.73
C TRP C 155 -10.78 -6.63 2.39
N LYS C 156 -11.43 -6.40 3.53
CA LYS C 156 -11.35 -5.09 4.26
C LYS C 156 -10.64 -5.26 5.60
N SER C 157 -9.63 -6.11 5.65
CA SER C 157 -8.81 -6.41 6.86
C SER C 157 -7.71 -5.35 7.05
N THR C 158 -7.25 -4.70 5.98
CA THR C 158 -5.95 -3.96 6.00
C THR C 158 -6.12 -2.47 5.63
N LEU C 159 -5.75 -1.58 6.58
CA LEU C 159 -5.61 -0.12 6.35
C LEU C 159 -4.18 0.17 5.90
N VAL C 160 -4.01 1.20 5.12
CA VAL C 160 -2.66 1.70 4.70
C VAL C 160 -2.60 3.19 4.97
N GLY C 161 -1.41 3.64 5.42
CA GLY C 161 -1.18 5.03 5.78
C GLY C 161 0.27 5.38 5.73
N HIS C 162 0.57 6.63 6.08
CA HIS C 162 1.97 7.16 6.13
C HIS C 162 2.08 8.04 7.38
N ASP C 163 3.14 7.82 8.15
CA ASP C 163 3.52 8.61 9.36
C ASP C 163 4.93 9.18 9.15
N THR C 164 5.11 10.46 9.46
CA THR C 164 6.44 11.07 9.58
C THR C 164 6.73 11.32 11.05
N PHE C 165 7.86 10.79 11.50
CA PHE C 165 8.33 10.90 12.90
C PHE C 165 9.45 11.94 12.95
N THR C 166 9.34 12.87 13.88
CA THR C 166 10.44 13.85 14.17
C THR C 166 10.82 13.75 15.65
N LYS C 167 12.00 14.25 16.01
CA LYS C 167 12.49 14.19 17.41
C LYS C 167 11.86 15.33 18.25
N VAL C 168 11.09 16.23 17.65
CA VAL C 168 10.34 17.29 18.39
C VAL C 168 8.83 17.16 18.12
N LYS C 169 7.97 17.62 19.03
CA LYS C 169 6.49 17.58 18.83
C LYS C 169 6.11 18.56 17.72
N ASP D 13 -2.48 -5.94 -23.87
CA ASP D 13 -2.76 -5.09 -25.07
C ASP D 13 -4.27 -4.97 -25.27
N GLN D 14 -4.69 -4.22 -26.30
CA GLN D 14 -6.08 -3.76 -26.53
C GLN D 14 -7.04 -4.94 -26.66
N ALA D 15 -6.74 -5.89 -27.56
CA ALA D 15 -7.61 -7.06 -27.82
C ALA D 15 -7.65 -7.95 -26.58
N GLY D 16 -6.52 -8.10 -25.90
CA GLY D 16 -6.39 -8.98 -24.72
C GLY D 16 -7.19 -8.47 -23.54
N ILE D 17 -7.28 -7.13 -23.40
CA ILE D 17 -7.89 -6.46 -22.21
C ILE D 17 -9.40 -6.37 -22.36
N THR D 18 -9.90 -5.99 -23.54
CA THR D 18 -11.35 -5.72 -23.73
C THR D 18 -12.14 -6.99 -23.40
N GLY D 19 -13.20 -6.85 -22.58
CA GLY D 19 -14.11 -7.96 -22.25
C GLY D 19 -14.46 -8.03 -20.78
N THR D 20 -14.82 -9.22 -20.32
CA THR D 20 -15.41 -9.43 -18.99
C THR D 20 -14.36 -10.18 -18.17
N TRP D 21 -14.12 -9.69 -16.97
CA TRP D 21 -13.14 -10.28 -16.02
C TRP D 21 -13.84 -10.55 -14.71
N TYR D 22 -13.34 -11.56 -13.98
CA TYR D 22 -13.88 -12.02 -12.70
C TYR D 22 -12.70 -12.12 -11.70
N ASN D 23 -12.91 -11.67 -10.48
CA ASN D 23 -11.84 -11.77 -9.47
C ASN D 23 -12.19 -12.87 -8.47
N GLN D 24 -11.29 -13.09 -7.50
CA GLN D 24 -11.36 -14.19 -6.52
C GLN D 24 -12.56 -13.97 -5.61
N LEU D 25 -13.14 -12.77 -5.52
CA LEU D 25 -14.32 -12.48 -4.64
C LEU D 25 -15.62 -12.77 -5.41
N GLY D 26 -15.54 -13.00 -6.71
CA GLY D 26 -16.73 -13.17 -7.55
C GLY D 26 -17.23 -11.85 -8.12
N SER D 27 -16.45 -10.76 -8.04
CA SER D 27 -16.78 -9.47 -8.69
C SER D 27 -16.59 -9.56 -10.22
N THR D 28 -17.37 -8.78 -10.96
CA THR D 28 -17.36 -8.72 -12.43
C THR D 28 -16.94 -7.34 -12.89
N PHE D 29 -15.94 -7.31 -13.78
CA PHE D 29 -15.37 -6.07 -14.35
C PHE D 29 -15.50 -6.25 -15.86
N ILE D 30 -16.32 -5.41 -16.49
CA ILE D 30 -16.50 -5.33 -17.96
C ILE D 30 -15.81 -4.05 -18.47
N VAL D 31 -14.92 -4.16 -19.44
CA VAL D 31 -14.07 -3.02 -19.85
C VAL D 31 -13.85 -3.05 -21.37
N THR D 32 -13.78 -1.86 -21.96
CA THR D 32 -13.36 -1.63 -23.35
C THR D 32 -12.06 -0.84 -23.29
N ALA D 33 -11.00 -1.41 -23.85
CA ALA D 33 -9.71 -0.74 -24.04
C ALA D 33 -9.80 0.03 -25.36
N GLY D 34 -9.68 1.36 -25.31
CA GLY D 34 -9.57 2.25 -26.49
C GLY D 34 -8.18 2.16 -27.10
N ALA D 35 -8.04 2.48 -28.39
CA ALA D 35 -6.75 2.48 -29.13
C ALA D 35 -5.84 3.61 -28.64
N ASP D 36 -6.42 4.64 -27.99
CA ASP D 36 -5.76 5.81 -27.37
C ASP D 36 -5.31 5.52 -25.92
N GLY D 37 -5.59 4.33 -25.40
CA GLY D 37 -5.12 3.87 -24.08
C GLY D 37 -6.18 4.09 -23.02
N ALA D 38 -7.42 4.38 -23.40
CA ALA D 38 -8.55 4.56 -22.45
C ALA D 38 -9.09 3.20 -22.00
N LEU D 39 -9.60 3.14 -20.76
CA LEU D 39 -10.40 2.01 -20.25
C LEU D 39 -11.73 2.61 -19.81
N THR D 40 -12.84 2.02 -20.26
CA THR D 40 -14.22 2.42 -19.87
C THR D 40 -15.00 1.14 -19.60
N GLY D 41 -15.90 1.17 -18.62
CA GLY D 41 -16.78 0.02 -18.41
C GLY D 41 -17.59 0.15 -17.14
N THR D 42 -17.91 -0.99 -16.56
CA THR D 42 -18.80 -1.07 -15.36
C THR D 42 -18.14 -2.08 -14.43
N TYR D 43 -18.28 -1.86 -13.13
CA TYR D 43 -17.78 -2.78 -12.08
C TYR D 43 -18.96 -3.22 -11.23
N GLU D 44 -19.03 -4.50 -10.93
CA GLU D 44 -20.02 -5.10 -10.03
C GLU D 44 -19.27 -5.79 -8.88
N SER D 45 -19.31 -5.24 -7.66
CA SER D 45 -18.64 -5.88 -6.50
C SER D 45 -19.54 -6.96 -5.90
N ALA D 46 -18.97 -8.12 -5.65
CA ALA D 46 -19.66 -9.21 -4.91
C ALA D 46 -19.75 -8.83 -3.42
N VAL D 47 -18.92 -7.88 -2.96
CA VAL D 47 -18.84 -7.54 -1.51
C VAL D 47 -19.00 -6.02 -1.34
N GLY D 48 -19.47 -5.60 -0.15
CA GLY D 48 -19.69 -4.20 0.26
C GLY D 48 -20.74 -3.49 -0.58
N ALA D 49 -20.88 -2.18 -0.38
CA ALA D 49 -21.79 -1.30 -1.17
C ALA D 49 -23.23 -1.47 -0.64
N ALA D 85 -28.51 -3.08 -12.34
CA ALA D 85 -28.23 -1.62 -12.35
C ALA D 85 -27.85 -1.14 -10.94
N GLU D 86 -28.56 -1.61 -9.92
CA GLU D 86 -28.41 -1.23 -8.49
C GLU D 86 -26.97 -1.46 -8.01
N SER D 87 -26.30 -2.48 -8.49
CA SER D 87 -24.96 -2.87 -7.97
C SER D 87 -23.92 -2.80 -9.11
N ARG D 88 -24.20 -2.01 -10.15
CA ARG D 88 -23.20 -1.64 -11.19
C ARG D 88 -22.77 -0.17 -11.00
N TYR D 89 -21.49 0.06 -11.22
CA TYR D 89 -20.81 1.36 -11.00
C TYR D 89 -19.92 1.60 -12.22
N VAL D 90 -19.88 2.86 -12.67
CA VAL D 90 -19.02 3.28 -13.80
C VAL D 90 -17.56 3.09 -13.40
N LEU D 91 -16.72 2.74 -14.36
CA LEU D 91 -15.26 2.74 -14.13
C LEU D 91 -14.65 3.45 -15.31
N THR D 92 -13.54 4.12 -15.07
CA THR D 92 -12.67 4.65 -16.12
C THR D 92 -11.23 4.39 -15.74
N GLY D 93 -10.35 4.27 -16.73
CA GLY D 93 -8.92 4.09 -16.42
C GLY D 93 -8.08 4.29 -17.63
N ARG D 94 -6.82 3.91 -17.54
CA ARG D 94 -5.82 4.03 -18.63
C ARG D 94 -4.99 2.76 -18.68
N TYR D 95 -4.38 2.45 -19.83
CA TYR D 95 -3.48 1.29 -19.97
C TYR D 95 -2.41 1.68 -20.99
N ASP D 96 -1.26 1.04 -20.89
CA ASP D 96 -0.14 1.21 -21.84
C ASP D 96 -0.55 0.59 -23.18
N SER D 97 -0.91 1.40 -24.17
CA SER D 97 -1.41 0.96 -25.50
C SER D 97 -0.25 0.46 -26.36
N ALA D 98 1.00 0.71 -25.98
CA ALA D 98 2.19 0.24 -26.73
C ALA D 98 3.15 -0.50 -25.79
N PRO D 99 2.76 -1.66 -25.22
CA PRO D 99 3.60 -2.32 -24.24
C PRO D 99 4.92 -2.85 -24.86
N ALA D 100 5.87 -3.21 -24.01
CA ALA D 100 7.14 -3.88 -24.37
C ALA D 100 6.80 -5.24 -24.99
N THR D 101 7.70 -5.76 -25.81
CA THR D 101 7.50 -7.00 -26.59
C THR D 101 8.61 -7.98 -26.18
N ASP D 102 8.94 -7.99 -24.90
CA ASP D 102 9.96 -8.90 -24.28
C ASP D 102 9.25 -9.85 -23.30
N GLY D 103 7.92 -9.91 -23.33
CA GLY D 103 7.09 -10.78 -22.48
C GLY D 103 6.64 -10.10 -21.19
N SER D 104 6.94 -8.81 -21.01
CA SER D 104 6.45 -7.98 -19.87
C SER D 104 4.94 -7.87 -19.98
N GLY D 105 4.26 -7.76 -18.85
CA GLY D 105 2.82 -7.42 -18.82
C GLY D 105 2.53 -6.00 -19.31
N THR D 106 1.25 -5.66 -19.43
CA THR D 106 0.77 -4.33 -19.88
C THR D 106 0.27 -3.56 -18.64
N ALA D 107 0.94 -2.45 -18.30
CA ALA D 107 0.59 -1.65 -17.11
C ALA D 107 -0.78 -1.01 -17.34
N LEU D 108 -1.62 -0.99 -16.29
CA LEU D 108 -2.94 -0.33 -16.40
C LEU D 108 -3.49 -0.01 -15.01
N GLY D 109 -4.51 0.81 -15.01
CA GLY D 109 -5.24 1.10 -13.78
C GLY D 109 -6.62 1.59 -14.09
N TRP D 110 -7.50 1.53 -13.09
CA TRP D 110 -8.82 2.13 -13.26
C TRP D 110 -9.38 2.52 -11.90
N THR D 111 -10.39 3.37 -11.92
CA THR D 111 -11.05 3.89 -10.72
C THR D 111 -12.53 3.53 -10.80
N VAL D 112 -13.12 3.18 -9.66
CA VAL D 112 -14.59 3.19 -9.40
C VAL D 112 -14.88 4.12 -8.22
N ALA D 113 -15.79 5.09 -8.42
CA ALA D 113 -16.46 5.87 -7.36
C ALA D 113 -17.76 5.14 -7.02
N TRP D 114 -17.96 4.81 -5.75
CA TRP D 114 -19.03 3.85 -5.33
C TRP D 114 -20.34 4.60 -5.13
N LYS D 115 -20.72 5.28 -6.20
CA LYS D 115 -22.01 5.99 -6.34
C LYS D 115 -22.56 5.63 -7.71
N ASN D 116 -23.83 5.25 -7.73
CA ASN D 116 -24.58 5.07 -8.99
C ASN D 116 -25.92 5.78 -8.74
N ASN D 117 -26.95 5.46 -9.52
CA ASN D 117 -28.26 6.16 -9.40
C ASN D 117 -29.05 5.71 -8.17
N TYR D 118 -28.63 4.63 -7.49
CA TYR D 118 -29.41 3.95 -6.41
C TYR D 118 -28.75 4.11 -5.04
N ARG D 119 -27.43 4.31 -4.99
CA ARG D 119 -26.58 3.92 -3.84
C ARG D 119 -25.29 4.76 -3.83
N ASN D 120 -24.75 5.01 -2.64
CA ASN D 120 -23.52 5.82 -2.45
C ASN D 120 -22.80 5.39 -1.17
N ALA D 121 -21.64 4.76 -1.32
CA ALA D 121 -20.80 4.28 -0.20
C ALA D 121 -19.72 5.31 0.13
N HIS D 122 -19.78 6.51 -0.45
CA HIS D 122 -18.87 7.65 -0.12
C HIS D 122 -17.43 7.16 -0.11
N SER D 123 -17.03 6.40 -1.13
CA SER D 123 -15.69 5.78 -1.22
C SER D 123 -15.30 5.66 -2.68
N ALA D 124 -14.02 5.47 -2.96
CA ALA D 124 -13.54 5.16 -4.32
C ALA D 124 -12.40 4.15 -4.21
N THR D 125 -12.34 3.23 -5.16
CA THR D 125 -11.25 2.26 -5.27
C THR D 125 -10.50 2.59 -6.57
N THR D 126 -9.19 2.49 -6.50
CA THR D 126 -8.29 2.41 -7.66
C THR D 126 -7.58 1.06 -7.66
N TRP D 127 -7.58 0.42 -8.83
CA TRP D 127 -6.79 -0.80 -9.09
C TRP D 127 -5.61 -0.37 -9.95
N SER D 128 -4.41 -0.82 -9.57
CA SER D 128 -3.16 -0.58 -10.30
C SER D 128 -2.53 -1.96 -10.52
N GLY D 129 -2.17 -2.28 -11.77
CA GLY D 129 -1.57 -3.60 -12.03
C GLY D 129 -1.14 -3.78 -13.47
N GLN D 130 -1.15 -5.03 -13.92
CA GLN D 130 -0.68 -5.41 -15.26
C GLN D 130 -1.50 -6.59 -15.80
N TYR D 131 -1.79 -6.50 -17.09
CA TYR D 131 -2.43 -7.53 -17.92
C TYR D 131 -1.33 -8.49 -18.38
N VAL D 132 -1.55 -9.79 -18.16
CA VAL D 132 -0.63 -10.86 -18.60
C VAL D 132 -1.43 -11.74 -19.57
N GLY D 133 -1.08 -11.72 -20.85
CA GLY D 133 -1.80 -12.46 -21.91
C GLY D 133 -1.45 -13.94 -21.88
N GLY D 134 -1.93 -14.70 -22.88
CA GLY D 134 -1.71 -16.16 -22.95
C GLY D 134 -2.95 -16.92 -22.51
N ALA D 135 -2.87 -18.26 -22.50
CA ALA D 135 -4.05 -19.15 -22.45
C ALA D 135 -4.80 -18.87 -21.16
N GLU D 136 -4.05 -18.62 -20.08
CA GLU D 136 -4.55 -18.31 -18.72
C GLU D 136 -4.27 -16.84 -18.43
N ALA D 137 -4.85 -15.93 -19.23
CA ALA D 137 -4.65 -14.47 -19.15
C ALA D 137 -5.14 -13.98 -17.78
N ARG D 138 -4.42 -13.02 -17.20
CA ARG D 138 -4.82 -12.44 -15.89
C ARG D 138 -4.60 -10.94 -15.95
N ILE D 139 -5.34 -10.24 -15.09
CA ILE D 139 -4.94 -8.88 -14.63
C ILE D 139 -4.62 -8.99 -13.14
N ASN D 140 -3.36 -8.78 -12.81
CA ASN D 140 -2.88 -8.84 -11.41
C ASN D 140 -2.88 -7.41 -10.87
N THR D 141 -3.66 -7.15 -9.83
CA THR D 141 -3.85 -5.80 -9.26
C THR D 141 -3.50 -5.75 -7.77
N GLN D 142 -3.14 -4.54 -7.35
CA GLN D 142 -3.21 -4.04 -5.97
C GLN D 142 -4.20 -2.88 -6.00
N TRP D 143 -5.02 -2.74 -4.95
CA TRP D 143 -6.02 -1.65 -4.92
C TRP D 143 -5.94 -0.82 -3.63
N LEU D 144 -6.36 0.44 -3.73
CA LEU D 144 -6.56 1.38 -2.59
C LEU D 144 -8.01 1.84 -2.59
N LEU D 145 -8.71 1.65 -1.48
CA LEU D 145 -10.12 2.10 -1.34
C LEU D 145 -10.15 3.21 -0.30
N THR D 146 -10.45 4.45 -0.69
CA THR D 146 -10.46 5.60 0.25
C THR D 146 -11.92 5.93 0.55
N ALA D 147 -12.28 6.02 1.82
CA ALA D 147 -13.62 6.48 2.25
C ALA D 147 -13.52 7.94 2.62
N GLY D 148 -14.54 8.71 2.30
CA GLY D 148 -14.62 10.11 2.76
C GLY D 148 -14.61 10.13 4.28
N THR D 149 -13.74 10.92 4.90
CA THR D 149 -13.70 10.99 6.39
C THR D 149 -13.51 12.44 6.83
N THR D 150 -13.82 12.76 8.08
CA THR D 150 -13.29 13.98 8.72
C THR D 150 -11.75 13.87 8.79
N GLU D 151 -11.08 15.00 8.92
CA GLU D 151 -9.60 15.10 9.14
C GLU D 151 -9.15 14.20 10.30
N ALA D 152 -9.92 14.15 11.38
CA ALA D 152 -9.62 13.39 12.61
C ALA D 152 -9.53 11.89 12.30
N ASN D 153 -10.34 11.39 11.35
CA ASN D 153 -10.42 9.94 11.00
C ASN D 153 -9.65 9.62 9.71
N ALA D 154 -9.01 10.58 9.08
CA ALA D 154 -8.29 10.36 7.79
C ALA D 154 -7.30 9.19 7.96
N TRP D 155 -6.69 9.01 9.13
CA TRP D 155 -5.65 7.96 9.31
C TRP D 155 -6.25 6.59 8.99
N LYS D 156 -7.57 6.41 9.14
CA LYS D 156 -8.22 5.09 8.88
C LYS D 156 -9.20 5.21 7.70
N SER D 157 -8.83 6.04 6.72
CA SER D 157 -9.63 6.34 5.51
C SER D 157 -9.40 5.29 4.43
N THR D 158 -8.23 4.62 4.40
CA THR D 158 -7.79 3.87 3.20
C THR D 158 -7.56 2.38 3.49
N LEU D 159 -8.29 1.52 2.77
CA LEU D 159 -8.07 0.05 2.72
C LEU D 159 -7.11 -0.27 1.54
N VAL D 160 -6.26 -1.26 1.74
CA VAL D 160 -5.36 -1.82 0.70
C VAL D 160 -5.62 -3.32 0.55
N GLY D 161 -5.56 -3.78 -0.70
CA GLY D 161 -5.80 -5.19 -1.01
C GLY D 161 -5.25 -5.55 -2.36
N HIS D 162 -5.55 -6.76 -2.80
CA HIS D 162 -5.09 -7.30 -4.10
C HIS D 162 -6.22 -8.16 -4.67
N ASP D 163 -6.58 -7.92 -5.92
CA ASP D 163 -7.48 -8.79 -6.70
C ASP D 163 -6.73 -9.38 -7.91
N THR D 164 -6.99 -10.64 -8.21
CA THR D 164 -6.54 -11.27 -9.46
C THR D 164 -7.78 -11.55 -10.30
N PHE D 165 -7.84 -10.96 -11.48
CA PHE D 165 -8.96 -11.09 -12.46
C PHE D 165 -8.58 -12.14 -13.51
N THR D 166 -9.49 -13.07 -13.78
CA THR D 166 -9.34 -14.03 -14.89
C THR D 166 -10.57 -13.90 -15.78
N LYS D 167 -10.48 -14.46 -17.00
CA LYS D 167 -11.58 -14.45 -18.00
C LYS D 167 -12.62 -15.56 -17.70
N VAL D 168 -12.30 -16.47 -16.77
CA VAL D 168 -13.19 -17.57 -16.29
C VAL D 168 -13.57 -17.33 -14.82
N LYS D 169 -14.69 -17.90 -14.35
CA LYS D 169 -15.13 -17.78 -12.93
C LYS D 169 -14.40 -18.82 -12.08
IR1 4IR E . 15.06 0.87 -7.05
C1 4IR E . 9.66 -12.56 -0.55
N1 4IR E . 8.51 -11.71 -0.42
O1 4IR E . 9.71 -13.78 0.07
S1 4IR E . 10.54 -9.32 0.52
C2 4IR E . 8.88 -10.50 -1.15
N2 4IR E . 10.72 -11.99 -1.42
O2 4IR E . 15.81 -7.40 -2.90
S2 4IR E . 14.57 -2.14 -6.23
C3 4IR E . 8.89 -9.34 -0.15
N3 4IR E . 15.63 -5.52 -1.43
O3 4IR E . 15.66 -2.23 -7.19
C4 4IR E . 10.29 -10.64 -1.76
N4 4IR E . 14.42 -0.58 -5.74
O4 4IR E . 13.35 -2.57 -6.87
C5 4IR E . 11.18 -9.54 -1.13
N5 4IR E . 13.13 1.46 -6.63
C6 4IR E . 12.65 -9.84 -0.91
C7 4IR E . 13.50 -8.59 -0.70
C8 4IR E . 15.00 -8.99 -0.78
C9 4IR E . 15.97 -7.82 -0.46
C10 4IR E . 15.83 -6.84 -1.62
C11 4IR E . 15.39 -4.73 -2.53
C12 4IR E . 16.09 -3.52 -2.75
C13 4IR E . 15.83 -2.71 -3.88
C14 4IR E . 14.46 -5.12 -3.52
C15 4IR E . 14.21 -4.30 -4.65
C16 4IR E . 14.89 -3.08 -4.87
C17 4IR E . 15.92 2.59 -7.98
C18 4IR E . 15.82 2.77 -6.50
C19 4IR E . 16.60 1.67 -5.85
C20 4IR E . 17.19 0.82 -6.94
C21 4IR E . 16.78 1.38 -8.23
C22 4IR E . 15.25 3.48 -9.03
C23 4IR E . 15.03 3.90 -5.78
C24 4IR E . 16.76 1.42 -4.35
C25 4IR E . 18.02 -0.46 -6.80
C26 4IR E . 17.17 0.71 -9.54
C27 4IR E . 13.22 -0.27 -4.95
C28 4IR E . 12.34 0.61 -5.75
IR1 4IR F . 12.17 -1.26 -11.16
C1 4IR F . 4.20 12.23 -8.84
N1 4IR F . 3.73 11.38 -7.80
O1 4IR F . 3.60 13.44 -9.13
S1 4IR F . 3.55 8.92 -10.08
C2 4IR F . 4.52 10.11 -7.89
N2 4IR F . 5.37 11.64 -9.51
O2 4IR F . 8.77 6.83 -13.72
S2 4IR F . 11.37 1.98 -10.95
C3 4IR F . 3.55 8.96 -8.30
N3 4IR F . 7.19 5.11 -13.93
O3 4IR F . 12.71 2.32 -11.38
C4 4IR F . 5.59 10.26 -9.02
N4 4IR F . 10.92 0.38 -10.98
O4 4IR F . 11.36 2.38 -9.56
C5 4IR F . 5.36 9.15 -10.07
N5 4IR F . 10.97 -1.90 -9.57
C6 4IR F . 5.78 9.44 -11.50
C7 4IR F . 6.10 8.24 -12.33
C8 4IR F . 6.51 8.61 -13.76
C9 4IR F . 6.50 7.38 -14.69
C10 4IR F . 7.49 6.39 -14.13
C11 4IR F . 8.15 4.36 -13.27
C12 4IR F . 8.50 3.03 -13.66
C13 4IR F . 9.49 2.30 -12.92
C14 4IR F . 8.87 4.88 -12.17
C15 4IR F . 9.85 4.13 -11.46
C16 4IR F . 10.20 2.82 -11.81
C17 4IR F . 13.15 -3.08 -11.65
C18 4IR F . 11.76 -2.99 -12.27
C19 4IR F . 11.74 -1.78 -13.17
C20 4IR F . 13.09 -1.11 -13.09
C21 4IR F . 13.95 -1.92 -12.18
C22 4IR F . 13.67 -4.09 -10.67
C23 4IR F . 10.58 -3.92 -12.01
C24 4IR F . 10.55 -1.22 -13.95
C25 4IR F . 13.55 0.19 -13.79
C26 4IR F . 15.40 -1.57 -11.82
C27 4IR F . 9.62 -0.02 -10.38
C28 4IR F . 9.84 -1.02 -9.32
IR1 4IR G . -13.20 -2.48 10.20
C1 4IR G . -0.43 5.99 14.66
N1 4IR G . -0.12 5.62 13.30
O1 4IR G . 0.46 6.65 15.49
S1 4IR G . -1.13 2.59 13.82
C2 4IR G . -1.37 5.03 12.74
N2 4IR G . -1.75 5.60 15.06
O2 4IR G . -7.17 1.22 16.25
S2 4IR G . -11.25 -0.36 11.77
C3 4IR G . -1.03 3.57 12.32
N3 4IR G . -6.54 -0.94 15.39
O3 4IR G . -12.50 -0.37 12.53
C4 4IR G . -2.41 4.95 13.88
N4 4IR G . -11.41 -1.65 10.80
O4 4IR G . -11.12 0.85 10.99
C5 4IR G . -2.67 3.43 14.12
N5 4IR G . -12.07 -2.55 8.46
C6 4IR G . -3.13 3.08 15.52
C7 4IR G . -3.75 1.69 15.57
C8 4IR G . -4.45 1.56 16.91
C9 4IR G . -5.05 0.17 17.07
C10 4IR G . -6.29 0.11 16.22
C11 4IR G . -7.63 -0.79 14.53
C12 4IR G . -7.94 0.46 13.93
C13 4IR G . -9.06 0.57 13.07
C14 4IR G . -8.49 -1.88 14.25
C15 4IR G . -9.60 -1.76 13.37
C16 4IR G . -9.92 -0.52 12.76
C17 4IR G . -14.62 -3.95 9.66
C18 4IR G . -13.43 -4.56 10.30
C19 4IR G . -13.31 -3.98 11.69
C20 4IR G . -14.47 -2.99 11.85
C21 4IR G . -15.26 -3.00 10.61
C22 4IR G . -15.11 -4.22 8.26
C23 4IR G . -12.47 -5.53 9.61
C24 4IR G . -12.15 -4.29 12.69
C25 4IR G . -14.91 -2.05 13.01
C26 4IR G . -16.53 -2.18 10.28
C27 4IR G . -10.25 -2.12 10.04
C28 4IR G . -10.66 -2.14 8.61
IR1 4IR H . -14.43 2.47 8.31
C1 4IR H . -13.73 -6.04 -5.06
N1 4IR H . -12.33 -5.78 -4.74
O1 4IR H . -14.14 -6.67 -6.25
S1 4IR H . -13.23 -2.70 -4.12
C2 4IR H . -12.40 -5.10 -3.42
N2 4IR H . -14.66 -5.60 -4.03
O2 4IR H . -17.91 -1.09 0.42
S2 4IR H . -15.10 0.39 5.98
C3 4IR H . -11.84 -3.69 -3.65
N3 4IR H . -16.73 0.99 0.28
O3 4IR H . -14.38 -0.85 6.12
C4 4IR H . -13.87 -4.97 -2.94
N4 4IR H . -14.22 1.69 6.41
O4 4IR H . -16.25 0.31 6.86
C5 4IR H . -14.15 -3.43 -2.78
N5 4IR H . -12.37 2.55 8.03
C6 4IR H . -15.61 -3.03 -2.74
C7 4IR H . -15.96 -1.66 -2.25
C8 4IR H . -17.46 -1.33 -2.41
C9 4IR H . -17.76 0.05 -1.81
C10 4IR H . -17.47 0.02 -0.33
C11 4IR H . -16.33 0.80 1.59
C12 4IR H . -16.39 1.87 2.47
C13 4IR H . -16.00 1.73 3.82
C14 4IR H . -15.89 -0.44 2.10
C15 4IR H . -15.50 -0.58 3.45
C16 4IR H . -15.55 0.50 4.37
C17 4IR H . -14.66 3.64 10.06
C18 4IR H . -14.53 4.50 8.82
C19 4IR H . -15.65 4.11 7.89
C20 4IR H . -16.47 3.01 8.59
C21 4IR H . -15.84 2.75 9.92
C22 4IR H . -13.77 3.61 11.29
C23 4IR H . -13.43 5.52 8.57
C24 4IR H . -15.89 4.68 6.47
C25 4IR H . -17.69 2.20 8.13
C26 4IR H . -16.29 1.70 10.96
C27 4IR H . -12.90 1.80 5.76
C28 4IR H . -11.96 2.55 6.62
#